data_5VBB
#
_entry.id   5VBB
#
_cell.length_a   55.200
_cell.length_b   92.440
_cell.length_c   88.890
_cell.angle_alpha   90.000
_cell.angle_beta   90.000
_cell.angle_gamma   90.000
#
_symmetry.space_group_name_H-M   'C 2 2 21'
#
loop_
_entity.id
_entity.type
_entity.pdbx_description
1 polymer 'RNA pseudouridylate synthase domain-containing protein 1'
2 non-polymer 'SULFATE ION'
3 non-polymer 'CHLORIDE ION'
4 non-polymer GLYCEROL
5 water water
#
_entity_poly.entity_id   1
_entity_poly.type   'polypeptide(L)'
_entity_poly.pdbx_seq_one_letter_code
;MEPGSVENLSIVYRSRDFLVVNKHWDVRIDSKAWRETLTLQKQLRYRFPELADPDTCYGFRFCHQLDFSTSGALCVALNK
AAAGSAYRCFKERRVTKAYLALLRGHIQESRVTISHAIGRNSTEGRAHTMCIEGSQGCENPKPSLTDLVVLEHGLYAGDP
VSKVLLKPLTGRTHQLRVHCSALGHPVVGDLTYGEVSGREDRPFRMMLHAFYLRIPTDTECVEVCTPDPFLPSLDACWSP
HTLLQSLDQLVQALRATPDPD
;
_entity_poly.pdbx_strand_id   A
#
loop_
_chem_comp.id
_chem_comp.type
_chem_comp.name
_chem_comp.formula
CL non-polymer 'CHLORIDE ION' 'Cl -1'
GOL non-polymer GLYCEROL 'C3 H8 O3'
SO4 non-polymer 'SULFATE ION' 'O4 S -2'
#
# COMPACT_ATOMS: atom_id res chain seq x y z
N MET A 1 -10.88 -4.97 -12.20
CA MET A 1 -10.89 -4.34 -13.52
C MET A 1 -11.94 -3.23 -13.52
N GLU A 2 -13.19 -3.57 -13.13
CA GLU A 2 -14.31 -2.62 -13.08
C GLU A 2 -14.00 -1.38 -12.22
N PRO A 3 -14.55 -0.20 -12.56
CA PRO A 3 -14.31 0.99 -11.73
C PRO A 3 -15.10 0.94 -10.41
N GLY A 4 -14.68 1.77 -9.46
CA GLY A 4 -15.33 1.87 -8.16
C GLY A 4 -16.77 2.31 -8.31
N SER A 5 -17.68 1.70 -7.55
CA SER A 5 -19.11 2.03 -7.54
C SER A 5 -19.59 2.05 -6.08
N VAL A 6 -20.65 2.81 -5.77
CA VAL A 6 -21.19 2.88 -4.40
C VAL A 6 -21.74 1.51 -3.91
N GLU A 7 -22.24 0.66 -4.83
CA GLU A 7 -22.87 -0.62 -4.47
C GLU A 7 -21.89 -1.78 -4.22
N ASN A 8 -20.62 -1.68 -4.68
CA ASN A 8 -19.66 -2.77 -4.54
C ASN A 8 -18.62 -2.42 -3.45
N LEU A 9 -18.67 -3.17 -2.36
CA LEU A 9 -17.75 -3.03 -1.24
C LEU A 9 -17.31 -4.42 -0.87
N SER A 10 -16.01 -4.64 -0.82
CA SER A 10 -15.42 -5.93 -0.51
C SER A 10 -14.96 -5.92 0.92
N ILE A 11 -15.50 -6.82 1.72
CA ILE A 11 -15.17 -6.95 3.14
C ILE A 11 -14.25 -8.18 3.28
N VAL A 12 -13.18 -8.03 4.05
CA VAL A 12 -12.25 -9.14 4.22
C VAL A 12 -12.18 -9.59 5.67
N TYR A 13 -12.86 -8.90 6.58
CA TYR A 13 -12.85 -9.20 7.99
C TYR A 13 -13.97 -8.43 8.65
N ARG A 14 -14.79 -9.09 9.47
CA ARG A 14 -15.85 -8.42 10.18
C ARG A 14 -16.01 -9.10 11.52
N SER A 15 -15.89 -8.31 12.58
CA SER A 15 -16.13 -8.71 13.95
C SER A 15 -17.18 -7.77 14.55
N ARG A 16 -17.44 -7.90 15.84
CA ARG A 16 -18.35 -7.01 16.57
C ARG A 16 -17.80 -5.58 16.61
N ASP A 17 -16.48 -5.46 16.71
CA ASP A 17 -15.76 -4.20 16.91
C ASP A 17 -15.06 -3.61 15.71
N PHE A 18 -14.66 -4.44 14.74
CA PHE A 18 -13.92 -3.96 13.59
C PHE A 18 -14.44 -4.51 12.30
N LEU A 19 -14.18 -3.75 11.25
CA LEU A 19 -14.50 -4.09 9.90
C LEU A 19 -13.27 -3.72 9.07
N VAL A 20 -12.79 -4.62 8.22
CA VAL A 20 -11.66 -4.35 7.32
C VAL A 20 -12.19 -4.51 5.91
N VAL A 21 -12.04 -3.46 5.11
CA VAL A 21 -12.47 -3.49 3.72
C VAL A 21 -11.26 -3.68 2.86
N ASN A 22 -11.48 -4.16 1.63
CA ASN A 22 -10.47 -4.24 0.61
C ASN A 22 -10.82 -3.05 -0.30
N LYS A 23 -10.28 -1.88 0.05
CA LYS A 23 -10.65 -0.63 -0.60
C LYS A 23 -10.34 -0.68 -2.09
N HIS A 24 -11.21 -0.14 -2.88
CA HIS A 24 -11.04 -0.16 -4.32
C HIS A 24 -10.01 0.91 -4.69
N TRP A 25 -9.27 0.68 -5.77
CA TRP A 25 -8.33 1.67 -6.30
C TRP A 25 -9.15 2.91 -6.78
N ASP A 26 -8.59 4.10 -6.64
CA ASP A 26 -9.21 5.36 -7.06
C ASP A 26 -10.54 5.58 -6.37
N VAL A 27 -10.54 5.41 -5.05
CA VAL A 27 -11.69 5.70 -4.19
C VAL A 27 -11.15 6.44 -2.98
N ARG A 28 -11.72 7.59 -2.67
CA ARG A 28 -11.31 8.43 -1.56
C ARG A 28 -12.00 8.03 -0.26
N ILE A 29 -11.32 8.18 0.87
CA ILE A 29 -11.91 7.88 2.17
C ILE A 29 -12.96 8.96 2.56
N ASP A 30 -12.49 10.20 2.75
CA ASP A 30 -13.34 11.33 3.16
C ASP A 30 -13.86 12.05 1.94
N LEU A 38 -18.32 9.65 -5.00
CA LEU A 38 -17.95 8.29 -4.60
C LEU A 38 -16.82 8.29 -3.58
N THR A 39 -17.12 7.86 -2.34
CA THR A 39 -16.12 7.71 -1.29
C THR A 39 -16.31 6.38 -0.58
N LEU A 40 -15.32 6.00 0.27
CA LEU A 40 -15.45 4.77 1.06
C LEU A 40 -16.63 4.91 2.04
N GLN A 41 -16.78 6.09 2.68
CA GLN A 41 -17.91 6.38 3.57
C GLN A 41 -19.28 6.07 2.92
N LYS A 42 -19.50 6.51 1.67
CA LYS A 42 -20.76 6.27 0.97
C LYS A 42 -20.96 4.77 0.72
N GLN A 43 -19.91 4.05 0.32
CA GLN A 43 -20.01 2.58 0.13
C GLN A 43 -20.42 1.91 1.45
N LEU A 44 -19.81 2.35 2.57
CA LEU A 44 -20.12 1.83 3.90
C LEU A 44 -21.53 2.14 4.30
N ARG A 45 -21.97 3.39 4.08
CA ARG A 45 -23.35 3.80 4.35
C ARG A 45 -24.33 2.94 3.52
N TYR A 46 -23.99 2.69 2.24
CA TYR A 46 -24.84 1.88 1.37
C TYR A 46 -24.99 0.42 1.90
N ARG A 47 -23.85 -0.21 2.24
CA ARG A 47 -23.82 -1.60 2.72
C ARG A 47 -24.33 -1.78 4.16
N PHE A 48 -24.01 -0.83 5.07
CA PHE A 48 -24.38 -0.94 6.49
C PHE A 48 -25.23 0.23 6.93
N PRO A 49 -26.47 0.33 6.41
CA PRO A 49 -27.36 1.43 6.81
C PRO A 49 -27.69 1.42 8.30
N GLY A 59 -22.12 4.92 12.63
CA GLY A 59 -20.89 5.69 12.78
C GLY A 59 -19.66 4.84 12.48
N PHE A 60 -18.82 5.31 11.52
CA PHE A 60 -17.61 4.62 11.06
C PHE A 60 -16.35 5.44 11.42
N ARG A 61 -15.46 4.89 12.25
CA ARG A 61 -14.22 5.56 12.65
C ARG A 61 -13.07 4.87 11.92
N PHE A 62 -12.41 5.58 10.99
CA PHE A 62 -11.26 5.06 10.25
C PHE A 62 -10.08 5.07 11.17
N CYS A 63 -9.44 3.90 11.31
CA CYS A 63 -8.31 3.73 12.20
C CYS A 63 -7.04 4.22 11.56
N HIS A 64 -7.05 4.40 10.26
CA HIS A 64 -5.86 4.78 9.49
C HIS A 64 -6.30 5.22 8.11
N GLN A 65 -5.34 5.62 7.28
CA GLN A 65 -5.64 6.11 5.93
C GLN A 65 -5.03 5.22 4.89
N LEU A 66 -5.55 5.33 3.68
CA LEU A 66 -5.03 4.63 2.51
C LEU A 66 -5.22 5.62 1.37
N ASP A 67 -4.17 5.89 0.58
CA ASP A 67 -4.26 6.87 -0.52
C ASP A 67 -5.39 6.50 -1.50
N PHE A 68 -5.98 7.54 -2.14
CA PHE A 68 -6.99 7.43 -3.21
C PHE A 68 -6.63 6.36 -4.26
N SER A 69 -5.41 6.44 -4.82
CA SER A 69 -4.98 5.52 -5.88
C SER A 69 -4.56 4.13 -5.41
N THR A 70 -4.44 3.92 -4.12
CA THR A 70 -4.05 2.62 -3.60
C THR A 70 -5.26 1.80 -3.22
N SER A 71 -5.22 0.48 -3.51
CA SER A 71 -6.28 -0.42 -3.07
C SER A 71 -5.85 -1.17 -1.80
N GLY A 72 -6.78 -1.84 -1.16
CA GLY A 72 -6.44 -2.72 -0.05
C GLY A 72 -6.99 -2.49 1.33
N ALA A 73 -6.34 -3.19 2.29
CA ALA A 73 -6.75 -3.32 3.69
C ALA A 73 -6.89 -1.98 4.43
N LEU A 74 -8.10 -1.69 4.84
CA LEU A 74 -8.43 -0.48 5.57
C LEU A 74 -9.38 -0.86 6.70
N CYS A 75 -8.90 -0.69 7.93
CA CYS A 75 -9.61 -1.04 9.15
C CYS A 75 -10.50 0.11 9.67
N VAL A 76 -11.78 -0.19 9.95
CA VAL A 76 -12.80 0.74 10.44
C VAL A 76 -13.23 0.22 11.81
N ALA A 77 -13.22 1.08 12.84
CA ALA A 77 -13.65 0.69 14.18
C ALA A 77 -15.14 1.03 14.27
N LEU A 78 -15.95 0.13 14.87
CA LEU A 78 -17.41 0.25 14.93
C LEU A 78 -17.90 0.81 16.29
N ASN A 79 -16.98 1.16 17.20
CA ASN A 79 -17.35 1.80 18.46
C ASN A 79 -16.15 2.57 19.01
N LYS A 80 -16.43 3.45 19.97
CA LYS A 80 -15.46 4.37 20.58
C LYS A 80 -14.32 3.64 21.30
N ALA A 81 -14.63 2.52 21.97
CA ALA A 81 -13.62 1.71 22.65
C ALA A 81 -12.70 1.01 21.64
N ALA A 82 -13.28 0.51 20.54
CA ALA A 82 -12.51 -0.13 19.46
C ALA A 82 -11.60 0.90 18.75
N ALA A 83 -12.10 2.12 18.52
CA ALA A 83 -11.30 3.16 17.89
C ALA A 83 -10.11 3.54 18.75
N GLY A 84 -10.35 3.77 20.04
CA GLY A 84 -9.31 4.13 20.99
C GLY A 84 -8.23 3.08 21.09
N SER A 85 -8.63 1.79 21.10
CA SER A 85 -7.70 0.65 21.12
C SER A 85 -6.81 0.65 19.88
N ALA A 86 -7.42 0.76 18.68
CA ALA A 86 -6.67 0.78 17.44
C ALA A 86 -5.78 2.02 17.37
N TYR A 87 -6.29 3.20 17.80
CA TYR A 87 -5.52 4.45 17.78
C TYR A 87 -4.24 4.30 18.60
N ARG A 88 -4.33 3.59 19.73
CA ARG A 88 -3.16 3.29 20.58
C ARG A 88 -2.10 2.49 19.80
N CYS A 89 -2.48 1.39 19.09
CA CYS A 89 -1.51 0.59 18.29
C CYS A 89 -0.80 1.42 17.27
N PHE A 90 -1.52 2.30 16.55
CA PHE A 90 -0.87 3.11 15.52
C PHE A 90 0.08 4.13 16.12
N LYS A 91 -0.37 4.86 17.13
CA LYS A 91 0.41 5.91 17.82
C LYS A 91 1.64 5.33 18.54
N GLU A 92 1.54 4.08 19.02
CA GLU A 92 2.68 3.39 19.64
C GLU A 92 3.51 2.58 18.65
N ARG A 93 3.22 2.68 17.34
CA ARG A 93 3.94 2.00 16.28
C ARG A 93 3.98 0.47 16.47
N ARG A 94 2.84 -0.14 16.85
N ARG A 94 2.85 -0.14 16.87
CA ARG A 94 2.76 -1.59 17.07
CA ARG A 94 2.76 -1.60 17.08
C ARG A 94 2.02 -2.30 15.92
C ARG A 94 2.03 -2.30 15.91
N VAL A 95 1.68 -1.57 14.83
CA VAL A 95 0.97 -2.16 13.67
C VAL A 95 1.93 -2.71 12.64
N THR A 96 1.58 -3.84 12.00
CA THR A 96 2.37 -4.44 10.92
C THR A 96 1.58 -4.27 9.61
N LYS A 97 2.26 -3.83 8.55
CA LYS A 97 1.65 -3.67 7.24
C LYS A 97 2.58 -4.15 6.16
N ALA A 98 2.02 -4.73 5.08
CA ALA A 98 2.75 -5.07 3.89
C ALA A 98 1.90 -4.82 2.67
N TYR A 99 2.55 -4.49 1.57
CA TYR A 99 1.89 -4.14 0.33
C TYR A 99 2.46 -4.95 -0.77
N LEU A 100 1.70 -5.06 -1.86
CA LEU A 100 2.15 -5.65 -3.10
C LEU A 100 2.21 -4.52 -4.09
N ALA A 101 3.10 -4.65 -5.10
CA ALA A 101 3.20 -3.65 -6.15
C ALA A 101 3.81 -4.22 -7.38
N LEU A 102 3.50 -3.59 -8.55
CA LEU A 102 4.15 -3.86 -9.80
C LEU A 102 4.96 -2.60 -10.05
N LEU A 103 6.29 -2.75 -10.11
CA LEU A 103 7.21 -1.65 -10.27
C LEU A 103 7.88 -1.69 -11.63
N ARG A 104 8.31 -0.53 -12.16
CA ARG A 104 9.00 -0.44 -13.45
C ARG A 104 10.40 -1.03 -13.38
N GLY A 105 10.78 -1.82 -14.39
CA GLY A 105 12.08 -2.45 -14.49
C GLY A 105 12.21 -3.76 -13.72
N HIS A 106 13.22 -4.56 -14.08
CA HIS A 106 13.57 -5.82 -13.43
C HIS A 106 14.60 -5.53 -12.33
N ILE A 107 14.22 -5.67 -11.04
CA ILE A 107 15.12 -5.42 -9.91
C ILE A 107 15.96 -6.66 -9.75
N GLN A 108 17.30 -6.57 -9.92
CA GLN A 108 18.16 -7.76 -9.88
C GLN A 108 18.47 -8.24 -8.47
N GLU A 109 18.47 -7.36 -7.47
CA GLU A 109 18.68 -7.77 -6.05
C GLU A 109 17.43 -8.50 -5.57
N SER A 110 17.54 -9.57 -4.78
CA SER A 110 16.36 -10.29 -4.30
C SER A 110 15.64 -9.51 -3.21
N ARG A 111 16.38 -8.73 -2.40
CA ARG A 111 15.81 -7.94 -1.32
C ARG A 111 16.57 -6.64 -1.21
N VAL A 112 15.84 -5.55 -1.00
CA VAL A 112 16.43 -4.21 -0.90
C VAL A 112 15.89 -3.53 0.34
N THR A 113 16.78 -2.95 1.13
CA THR A 113 16.42 -2.12 2.28
C THR A 113 16.49 -0.70 1.75
N ILE A 114 15.41 0.07 1.83
CA ILE A 114 15.39 1.45 1.31
C ILE A 114 15.26 2.31 2.52
N SER A 115 16.31 3.05 2.82
CA SER A 115 16.40 3.83 4.05
C SER A 115 16.50 5.33 3.84
N HIS A 116 16.53 5.84 2.59
CA HIS A 116 16.64 7.28 2.34
C HIS A 116 15.52 8.00 3.05
N ALA A 117 15.85 9.08 3.75
CA ALA A 117 14.87 9.86 4.49
C ALA A 117 13.94 10.59 3.51
N ILE A 118 12.66 10.76 3.89
CA ILE A 118 11.60 11.39 3.09
C ILE A 118 11.23 12.69 3.74
N GLY A 119 11.28 13.76 2.96
CA GLY A 119 10.86 15.08 3.38
C GLY A 119 9.73 15.57 2.51
N ARG A 120 9.31 16.79 2.74
CA ARG A 120 8.23 17.40 1.95
C ARG A 120 8.88 18.35 0.93
N ASN A 121 8.31 18.31 -0.26
CA ASN A 121 8.83 19.05 -1.40
C ASN A 121 8.37 20.51 -1.29
N SER A 122 9.33 21.42 -1.24
CA SER A 122 9.09 22.88 -1.18
C SER A 122 9.17 23.49 -2.59
N THR A 123 9.79 22.77 -3.55
CA THR A 123 9.92 23.30 -4.91
C THR A 123 8.59 23.17 -5.63
N GLU A 124 8.09 21.94 -5.80
CA GLU A 124 6.86 21.70 -6.55
C GLU A 124 5.99 20.69 -5.84
N GLY A 125 5.71 20.98 -4.57
CA GLY A 125 4.89 20.15 -3.71
C GLY A 125 3.51 19.85 -4.23
N ARG A 126 2.92 20.79 -4.92
CA ARG A 126 1.62 20.58 -5.50
C ARG A 126 1.58 19.32 -6.41
N ALA A 127 2.58 19.16 -7.28
CA ALA A 127 2.62 18.03 -8.22
C ALA A 127 3.18 16.77 -7.59
N HIS A 128 4.22 16.90 -6.74
CA HIS A 128 4.86 15.76 -6.08
C HIS A 128 5.10 16.19 -4.63
N THR A 129 4.17 15.82 -3.74
CA THR A 129 4.13 16.22 -2.34
C THR A 129 5.43 15.93 -1.60
N MET A 130 5.95 14.72 -1.74
CA MET A 130 7.10 14.23 -0.99
C MET A 130 8.36 14.08 -1.83
N CYS A 131 9.52 14.04 -1.18
CA CYS A 131 10.81 13.89 -1.86
C CYS A 131 11.82 13.18 -0.98
N ILE A 132 12.89 12.72 -1.62
CA ILE A 132 14.02 12.06 -0.95
C ILE A 132 14.96 13.14 -0.45
N GLU A 133 15.60 12.91 0.72
CA GLU A 133 16.60 13.82 1.31
C GLU A 133 17.70 14.06 0.29
N GLY A 134 18.22 15.27 0.22
CA GLY A 134 19.25 15.59 -0.77
C GLY A 134 18.71 16.13 -2.09
N SER A 135 17.48 15.78 -2.48
N SER A 135 17.45 15.81 -2.46
CA SER A 135 16.89 16.31 -3.71
CA SER A 135 16.85 16.34 -3.69
C SER A 135 16.61 17.82 -3.53
C SER A 135 16.62 17.83 -3.52
N GLN A 136 16.56 18.56 -4.65
CA GLN A 136 16.37 20.03 -4.62
C GLN A 136 15.10 20.45 -3.85
N GLY A 137 15.29 21.33 -2.87
CA GLY A 137 14.20 21.84 -2.05
C GLY A 137 13.56 20.86 -1.09
N CYS A 138 14.24 19.75 -0.77
CA CYS A 138 13.63 18.77 0.14
C CYS A 138 13.80 19.29 1.57
N GLU A 139 12.68 19.48 2.30
CA GLU A 139 12.68 20.04 3.67
C GLU A 139 12.14 19.04 4.70
N ASN A 140 12.67 19.16 5.93
CA ASN A 140 12.30 18.42 7.14
C ASN A 140 12.25 16.91 6.87
N PRO A 141 13.40 16.32 6.45
CA PRO A 141 13.42 14.87 6.20
C PRO A 141 13.12 14.09 7.49
N LYS A 142 12.37 12.99 7.35
CA LYS A 142 11.92 12.20 8.47
C LYS A 142 12.32 10.74 8.32
N PRO A 143 12.39 10.01 9.46
CA PRO A 143 12.83 8.61 9.43
C PRO A 143 12.08 7.76 8.46
N SER A 144 12.80 6.96 7.72
CA SER A 144 12.16 6.18 6.69
C SER A 144 12.81 4.86 6.50
N LEU A 145 12.01 3.81 6.35
CA LEU A 145 12.55 2.48 6.09
C LEU A 145 11.50 1.61 5.41
N THR A 146 11.83 1.14 4.22
CA THR A 146 11.00 0.24 3.42
C THR A 146 11.81 -0.97 3.05
N ASP A 147 11.32 -2.13 3.43
CA ASP A 147 11.90 -3.40 3.06
C ASP A 147 11.21 -3.91 1.79
N LEU A 148 11.97 -4.14 0.75
CA LEU A 148 11.42 -4.56 -0.56
C LEU A 148 11.94 -5.97 -0.87
N VAL A 149 11.04 -6.89 -1.17
CA VAL A 149 11.37 -8.26 -1.56
C VAL A 149 10.82 -8.48 -3.01
N VAL A 150 11.69 -8.90 -3.92
CA VAL A 150 11.29 -9.14 -5.30
C VAL A 150 10.61 -10.51 -5.39
N LEU A 151 9.36 -10.55 -5.89
CA LEU A 151 8.61 -11.80 -6.01
C LEU A 151 8.79 -12.40 -7.39
N GLU A 152 8.64 -11.58 -8.43
CA GLU A 152 8.71 -12.06 -9.80
C GLU A 152 9.18 -10.99 -10.75
N HIS A 153 9.72 -11.40 -11.90
CA HIS A 153 10.02 -10.53 -13.03
C HIS A 153 9.01 -10.94 -14.10
N GLY A 154 8.58 -9.95 -14.88
CA GLY A 154 7.66 -10.20 -15.97
C GLY A 154 7.51 -9.00 -16.85
N LEU A 155 6.46 -8.98 -17.68
CA LEU A 155 6.18 -7.82 -18.50
C LEU A 155 4.77 -7.32 -18.15
N TYR A 156 4.59 -5.98 -18.03
CA TYR A 156 3.30 -5.36 -17.84
C TYR A 156 3.03 -4.55 -19.11
N ALA A 157 2.01 -4.95 -19.90
CA ALA A 157 1.68 -4.32 -21.16
C ALA A 157 2.98 -4.25 -22.02
N GLY A 158 3.73 -5.35 -22.02
CA GLY A 158 4.96 -5.49 -22.79
C GLY A 158 6.20 -4.79 -22.27
N ASP A 159 6.15 -4.15 -21.10
CA ASP A 159 7.31 -3.46 -20.54
C ASP A 159 7.85 -4.22 -19.30
N PRO A 160 9.19 -4.25 -19.11
CA PRO A 160 9.76 -4.97 -17.95
C PRO A 160 9.31 -4.40 -16.61
N VAL A 161 8.77 -5.25 -15.76
CA VAL A 161 8.36 -4.82 -14.44
C VAL A 161 8.71 -5.91 -13.42
N SER A 162 8.72 -5.50 -12.17
CA SER A 162 8.92 -6.42 -11.05
C SER A 162 7.71 -6.45 -10.14
N LYS A 163 7.24 -7.64 -9.80
CA LYS A 163 6.22 -7.77 -8.79
C LYS A 163 6.95 -7.87 -7.45
N VAL A 164 6.58 -7.01 -6.46
CA VAL A 164 7.29 -6.96 -5.20
C VAL A 164 6.36 -6.98 -4.02
N LEU A 165 6.93 -7.36 -2.86
CA LEU A 165 6.29 -7.25 -1.55
C LEU A 165 7.04 -6.10 -0.86
N LEU A 166 6.30 -5.15 -0.28
CA LEU A 166 6.87 -3.99 0.42
C LEU A 166 6.43 -3.98 1.83
N LYS A 167 7.36 -3.91 2.78
CA LYS A 167 7.02 -3.83 4.19
C LYS A 167 7.60 -2.53 4.74
N PRO A 168 6.79 -1.50 4.92
CA PRO A 168 7.33 -0.27 5.53
C PRO A 168 7.44 -0.44 7.04
N LEU A 169 8.52 0.07 7.63
CA LEU A 169 8.65 0.09 9.08
C LEU A 169 8.43 1.50 9.59
N THR A 170 8.11 2.45 8.71
CA THR A 170 7.80 3.83 9.08
C THR A 170 6.53 4.21 8.32
N GLY A 171 5.95 5.35 8.65
CA GLY A 171 4.70 5.80 8.06
C GLY A 171 4.75 7.13 7.34
N ARG A 172 5.76 7.35 6.49
CA ARG A 172 5.86 8.65 5.81
C ARG A 172 4.77 8.76 4.77
N THR A 173 4.32 9.97 4.44
CA THR A 173 3.31 10.14 3.39
C THR A 173 3.87 9.66 2.05
N HIS A 174 3.10 8.90 1.28
CA HIS A 174 3.53 8.34 -0.02
C HIS A 174 4.88 7.59 0.06
N GLN A 175 5.22 7.04 1.23
CA GLN A 175 6.51 6.38 1.44
C GLN A 175 6.91 5.38 0.39
N LEU A 176 6.02 4.43 0.13
CA LEU A 176 6.35 3.32 -0.78
C LEU A 176 6.53 3.84 -2.19
N ARG A 177 5.70 4.79 -2.58
CA ARG A 177 5.79 5.35 -3.92
C ARG A 177 7.04 6.18 -4.09
N VAL A 178 7.41 6.94 -3.04
CA VAL A 178 8.61 7.77 -3.14
C VAL A 178 9.87 6.91 -3.14
N HIS A 179 9.92 5.93 -2.24
CA HIS A 179 11.07 5.05 -2.12
C HIS A 179 11.32 4.23 -3.40
N CYS A 180 10.27 3.65 -4.00
CA CYS A 180 10.43 2.83 -5.22
C CYS A 180 10.88 3.70 -6.41
N SER A 181 10.31 4.90 -6.53
CA SER A 181 10.68 5.88 -7.55
C SER A 181 12.13 6.32 -7.36
N ALA A 182 12.55 6.53 -6.10
CA ALA A 182 13.92 6.92 -5.77
C ALA A 182 14.95 5.83 -6.16
N LEU A 183 14.55 4.53 -6.10
CA LEU A 183 15.42 3.42 -6.55
C LEU A 183 15.53 3.36 -8.07
N GLY A 184 14.67 4.09 -8.78
CA GLY A 184 14.56 4.02 -10.23
C GLY A 184 13.56 2.97 -10.67
N HIS A 185 12.63 2.51 -9.75
CA HIS A 185 11.62 1.48 -10.04
C HIS A 185 10.28 1.95 -9.58
N PRO A 186 9.75 3.02 -10.20
CA PRO A 186 8.46 3.56 -9.76
C PRO A 186 7.31 2.59 -9.88
N VAL A 187 6.24 2.85 -9.11
CA VAL A 187 5.05 2.02 -9.20
C VAL A 187 4.41 2.26 -10.56
N VAL A 188 4.01 1.18 -11.21
CA VAL A 188 3.33 1.23 -12.50
C VAL A 188 2.00 1.95 -12.31
N GLY A 189 1.74 2.91 -13.19
CA GLY A 189 0.53 3.71 -13.16
C GLY A 189 0.53 4.81 -12.09
N ASP A 190 1.69 5.13 -11.55
CA ASP A 190 1.82 6.18 -10.56
C ASP A 190 1.89 7.54 -11.26
N LEU A 191 0.78 8.26 -11.22
CA LEU A 191 0.65 9.54 -11.91
C LEU A 191 1.41 10.67 -11.26
N THR A 192 1.82 10.52 -10.00
CA THR A 192 2.57 11.56 -9.28
C THR A 192 4.06 11.29 -9.27
N TYR A 193 4.48 10.09 -8.85
CA TYR A 193 5.91 9.79 -8.68
C TYR A 193 6.54 8.96 -9.83
N GLY A 194 5.77 8.66 -10.88
CA GLY A 194 6.29 7.97 -12.05
C GLY A 194 7.09 8.93 -12.90
N GLU A 195 7.84 8.40 -13.84
CA GLU A 195 8.63 9.24 -14.75
C GLU A 195 7.77 9.65 -15.93
N VAL A 196 8.15 10.72 -16.61
CA VAL A 196 7.46 11.17 -17.84
C VAL A 196 7.57 10.06 -18.92
N SER A 197 8.78 9.48 -19.11
CA SER A 197 9.01 8.42 -20.09
C SER A 197 8.23 7.11 -19.79
N GLY A 198 7.85 6.90 -18.52
CA GLY A 198 7.07 5.74 -18.11
C GLY A 198 5.65 5.67 -18.66
N ARG A 199 5.08 6.83 -19.17
CA ARG A 199 3.73 6.94 -19.69
C ARG A 199 2.75 6.26 -18.70
N GLU A 200 2.71 6.78 -17.49
CA GLU A 200 1.90 6.23 -16.39
C GLU A 200 0.44 6.56 -16.53
N ASP A 201 0.08 7.36 -17.53
CA ASP A 201 -1.29 7.61 -17.89
C ASP A 201 -1.92 6.39 -18.60
N ARG A 202 -1.11 5.39 -19.09
CA ARG A 202 -1.65 4.29 -19.88
C ARG A 202 -2.19 3.12 -19.01
N PRO A 203 -1.63 2.71 -17.84
CA PRO A 203 -2.27 1.61 -17.07
C PRO A 203 -3.64 2.00 -16.50
N PHE A 204 -4.49 1.00 -16.30
CA PHE A 204 -5.86 1.26 -15.84
C PHE A 204 -5.89 1.73 -14.41
N ARG A 205 -4.81 1.51 -13.64
CA ARG A 205 -4.74 1.88 -12.23
C ARG A 205 -3.32 1.99 -11.79
N MET A 206 -3.11 2.46 -10.58
CA MET A 206 -1.79 2.46 -9.99
C MET A 206 -1.62 1.12 -9.31
N MET A 207 -0.52 0.41 -9.59
CA MET A 207 -0.29 -0.95 -9.08
C MET A 207 0.36 -0.99 -7.67
N LEU A 208 -0.37 -0.52 -6.67
CA LEU A 208 0.03 -0.56 -5.26
C LEU A 208 -1.20 -1.01 -4.52
N HIS A 209 -1.05 -2.02 -3.64
CA HIS A 209 -2.14 -2.65 -2.92
C HIS A 209 -1.73 -2.95 -1.49
N ALA A 210 -2.54 -2.53 -0.54
CA ALA A 210 -2.26 -2.81 0.89
C ALA A 210 -2.75 -4.22 1.12
N PHE A 211 -1.82 -5.13 1.27
CA PHE A 211 -2.07 -6.56 1.29
C PHE A 211 -2.24 -7.16 2.67
N TYR A 212 -1.32 -6.88 3.58
CA TYR A 212 -1.28 -7.46 4.91
C TYR A 212 -1.43 -6.36 5.95
N LEU A 213 -2.27 -6.59 6.94
CA LEU A 213 -2.47 -5.61 8.01
C LEU A 213 -2.71 -6.35 9.32
N ARG A 214 -1.98 -5.99 10.37
CA ARG A 214 -2.12 -6.61 11.67
C ARG A 214 -2.16 -5.48 12.69
N ILE A 215 -3.26 -5.38 13.48
CA ILE A 215 -3.47 -4.34 14.47
C ILE A 215 -3.68 -5.10 15.81
N PRO A 216 -2.64 -5.21 16.64
CA PRO A 216 -2.73 -6.03 17.86
C PRO A 216 -3.39 -5.27 19.01
N THR A 217 -4.71 -5.07 18.92
CA THR A 217 -5.42 -4.32 19.96
C THR A 217 -5.58 -5.14 21.26
N ASP A 218 -5.88 -4.44 22.34
CA ASP A 218 -6.06 -5.06 23.68
C ASP A 218 -7.09 -6.21 23.67
N THR A 219 -8.19 -6.07 22.92
CA THR A 219 -9.25 -7.07 22.84
C THR A 219 -9.22 -7.99 21.63
N GLU A 220 -8.55 -7.59 20.54
CA GLU A 220 -8.63 -8.34 19.30
C GLU A 220 -7.43 -8.10 18.41
N CYS A 221 -6.87 -9.15 17.81
CA CYS A 221 -5.75 -8.96 16.87
C CYS A 221 -6.38 -8.99 15.51
N VAL A 222 -6.61 -7.79 14.95
CA VAL A 222 -7.20 -7.63 13.64
C VAL A 222 -6.11 -7.95 12.66
N GLU A 223 -6.18 -9.11 11.98
CA GLU A 223 -5.13 -9.50 11.07
C GLU A 223 -5.71 -9.94 9.74
N VAL A 224 -5.32 -9.30 8.65
CA VAL A 224 -5.88 -9.69 7.38
C VAL A 224 -4.79 -9.76 6.37
N CYS A 225 -5.02 -10.66 5.43
CA CYS A 225 -4.24 -10.89 4.26
C CYS A 225 -5.21 -10.99 3.12
N THR A 226 -5.39 -9.88 2.41
CA THR A 226 -6.36 -9.80 1.34
C THR A 226 -5.95 -10.61 0.12
N PRO A 227 -6.88 -10.85 -0.83
CA PRO A 227 -6.50 -11.48 -2.09
C PRO A 227 -5.50 -10.63 -2.88
N ASP A 228 -4.65 -11.28 -3.64
CA ASP A 228 -3.62 -10.65 -4.47
C ASP A 228 -4.27 -10.21 -5.80
N PRO A 229 -4.33 -8.90 -6.13
CA PRO A 229 -4.95 -8.49 -7.39
C PRO A 229 -4.05 -8.52 -8.62
N PHE A 230 -2.75 -8.67 -8.43
CA PHE A 230 -1.77 -8.59 -9.51
C PHE A 230 -1.44 -9.98 -10.00
N LEU A 231 -2.44 -10.62 -10.61
CA LEU A 231 -2.34 -11.96 -11.14
C LEU A 231 -2.70 -11.98 -12.62
N PRO A 232 -2.07 -12.81 -13.45
CA PRO A 232 -2.51 -12.92 -14.86
C PRO A 232 -3.99 -13.31 -15.03
N SER A 233 -4.60 -14.06 -14.08
CA SER A 233 -6.02 -14.45 -14.18
C SER A 233 -6.95 -13.25 -14.01
N LEU A 234 -6.47 -12.14 -13.46
CA LEU A 234 -7.30 -10.96 -13.24
C LEU A 234 -6.96 -9.82 -14.19
N ASP A 235 -5.66 -9.62 -14.47
CA ASP A 235 -5.18 -8.59 -15.38
C ASP A 235 -4.30 -9.27 -16.40
N ALA A 236 -4.83 -9.40 -17.62
CA ALA A 236 -4.13 -10.09 -18.69
C ALA A 236 -2.95 -9.28 -19.27
N CYS A 237 -2.78 -8.00 -18.90
CA CYS A 237 -1.58 -7.25 -19.29
C CYS A 237 -0.36 -7.71 -18.46
N TRP A 238 -0.58 -8.34 -17.29
CA TRP A 238 0.50 -8.80 -16.43
C TRP A 238 0.88 -10.21 -16.87
N SER A 239 2.14 -10.36 -17.32
CA SER A 239 2.70 -11.61 -17.80
C SER A 239 3.97 -11.96 -17.01
N PRO A 240 3.82 -12.69 -15.89
CA PRO A 240 5.02 -13.10 -15.13
C PRO A 240 5.86 -14.09 -15.91
N HIS A 241 7.20 -13.93 -15.92
CA HIS A 241 8.09 -14.88 -16.62
C HIS A 241 9.10 -15.56 -15.69
N THR A 242 9.61 -14.89 -14.64
CA THR A 242 10.61 -15.51 -13.73
C THR A 242 10.15 -15.39 -12.29
N LEU A 243 10.12 -16.51 -11.58
CA LEU A 243 9.78 -16.52 -10.16
C LEU A 243 11.03 -16.39 -9.33
N LEU A 244 11.11 -15.37 -8.48
CA LEU A 244 12.23 -15.21 -7.56
C LEU A 244 11.84 -15.76 -6.19
N GLN A 245 10.69 -15.32 -5.64
CA GLN A 245 10.30 -15.76 -4.28
C GLN A 245 8.82 -16.08 -4.22
N SER A 246 8.47 -16.94 -3.28
CA SER A 246 7.10 -17.39 -3.07
C SER A 246 6.35 -16.42 -2.15
N LEU A 247 5.22 -15.88 -2.61
CA LEU A 247 4.41 -15.00 -1.76
C LEU A 247 3.76 -15.76 -0.61
N ASP A 248 3.32 -17.02 -0.82
CA ASP A 248 2.71 -17.81 0.25
C ASP A 248 3.68 -17.97 1.41
N GLN A 249 4.95 -18.33 1.10
CA GLN A 249 5.96 -18.47 2.11
C GLN A 249 6.26 -17.15 2.82
N LEU A 250 6.31 -16.03 2.08
CA LEU A 250 6.57 -14.74 2.69
C LEU A 250 5.41 -14.34 3.58
N VAL A 251 4.16 -14.76 3.25
CA VAL A 251 3.01 -14.44 4.13
C VAL A 251 3.12 -15.23 5.40
N GLN A 252 3.57 -16.49 5.34
CA GLN A 252 3.82 -17.26 6.57
C GLN A 252 4.92 -16.57 7.43
N ALA A 253 5.93 -15.97 6.81
CA ALA A 253 6.96 -15.26 7.59
C ALA A 253 6.41 -13.97 8.20
N LEU A 254 5.56 -13.26 7.45
CA LEU A 254 4.92 -12.05 7.96
C LEU A 254 4.10 -12.34 9.18
N ARG A 255 3.26 -13.37 9.10
CA ARG A 255 2.33 -13.78 10.18
C ARG A 255 3.06 -14.13 11.45
N ALA A 256 4.24 -14.79 11.31
CA ALA A 256 5.07 -15.22 12.45
C ALA A 256 5.97 -14.13 13.00
N THR A 257 6.11 -13.00 12.31
CA THR A 257 6.97 -11.94 12.82
C THR A 257 6.39 -11.27 14.06
N PRO A 258 7.17 -11.06 15.13
CA PRO A 258 6.61 -10.38 16.31
C PRO A 258 6.10 -8.96 16.01
N ASP A 259 5.17 -8.45 16.83
CA ASP A 259 4.68 -7.07 16.62
C ASP A 259 5.87 -6.13 16.88
N PRO A 260 6.00 -4.98 16.19
CA PRO A 260 7.13 -4.09 16.46
C PRO A 260 7.09 -3.47 17.84
N ASP A 261 8.25 -3.41 18.55
CA ASP A 261 8.34 -2.83 19.90
C ASP A 261 8.26 -1.29 19.80
S SO4 B . -3.20 9.81 -4.82
O1 SO4 B . -1.76 10.13 -4.80
O2 SO4 B . -3.90 10.81 -4.02
O3 SO4 B . -3.71 9.76 -6.17
O4 SO4 B . -3.40 8.47 -4.26
S SO4 C . 6.75 6.81 11.87
O1 SO4 C . 8.18 6.76 11.61
O2 SO4 C . 6.48 7.90 12.76
O3 SO4 C . 6.01 7.08 10.66
O4 SO4 C . 6.30 5.55 12.42
S SO4 D . 5.12 12.78 6.92
O1 SO4 D . 5.47 14.20 6.87
O2 SO4 D . 5.14 12.30 8.32
O3 SO4 D . 6.04 12.00 6.07
O4 SO4 D . 3.80 12.63 6.40
CL CL E . 2.76 4.96 -0.65
CL CL F . -2.46 6.27 8.33
C1 GOL G . 3.67 5.09 4.42
O1 GOL G . 2.52 5.79 4.77
C2 GOL G . 3.70 3.71 5.03
O2 GOL G . 4.95 3.14 4.73
C3 GOL G . 2.61 2.78 4.55
O3 GOL G . 2.27 1.89 5.60
H11 GOL G . 4.55 5.61 4.77
H12 GOL G . 3.73 5.04 3.33
HO1 GOL G . 2.82 6.68 5.08
H2 GOL G . 3.74 3.74 6.11
HO2 GOL G . 5.63 3.58 5.30
H31 GOL G . 2.91 2.25 3.65
H32 GOL G . 1.72 3.36 4.26
HO3 GOL G . 1.95 2.46 6.35
#